data_5MQ8
#
_entry.id   5MQ8
#
_cell.length_a   53.628
_cell.length_b   83.669
_cell.length_c   95.729
_cell.angle_alpha   90.00
_cell.angle_beta   90.00
_cell.angle_gamma   90.00
#
_symmetry.space_group_name_H-M   'P 21 21 21'
#
loop_
_entity.id
_entity.type
_entity.pdbx_description
1 polymer 'Uncharacterized protein YacP'
2 non-polymer GLYCEROL
3 water water
#
_entity_poly.entity_id   1
_entity_poly.type   'polypeptide(L)'
_entity_poly.pdbx_seq_one_letter_code
;MDILLVDGYNMIGAWPQLKDLKANSFEEARDVLIQKMAEYQSYTGNRVIVVFDAHLVKGLEKKQTNHRVEVIFTKENETA
DERIEKLAQALNNIATQIHVATSDYTEQWAIFGQGALRKSARELLREVETIERRIERRVRKITSEKPAGKIALSEEVLKT
FEKWRRGDLDAAALEHHHHHH
;
_entity_poly.pdbx_strand_id   A,D
#
loop_
_chem_comp.id
_chem_comp.type
_chem_comp.name
_chem_comp.formula
GOL non-polymer GLYCEROL 'C3 H8 O3'
#
# COMPACT_ATOMS: atom_id res chain seq x y z
CA MET A 1 -26.88 -7.72 -11.42
C MET A 1 -26.20 -8.87 -12.19
N ASP A 2 -24.85 -8.97 -12.11
CA ASP A 2 -24.06 -10.01 -12.76
C ASP A 2 -23.20 -10.75 -11.76
N ILE A 3 -23.09 -12.06 -11.96
CA ILE A 3 -22.31 -12.93 -11.10
C ILE A 3 -21.26 -13.59 -11.95
N LEU A 4 -20.01 -13.51 -11.50
CA LEU A 4 -18.89 -14.13 -12.18
C LEU A 4 -18.42 -15.36 -11.40
N LEU A 5 -18.47 -16.53 -12.07
CA LEU A 5 -18.05 -17.82 -11.51
C LEU A 5 -16.75 -18.14 -12.22
N VAL A 6 -15.66 -18.27 -11.46
CA VAL A 6 -14.32 -18.42 -12.00
C VAL A 6 -13.75 -19.82 -11.83
N ASP A 7 -13.25 -20.41 -12.94
CA ASP A 7 -12.55 -21.69 -12.92
C ASP A 7 -11.12 -21.30 -12.54
N GLY A 8 -10.86 -21.34 -11.23
CA GLY A 8 -9.60 -20.96 -10.61
C GLY A 8 -8.35 -21.60 -11.18
N TYR A 9 -8.34 -22.94 -11.27
CA TYR A 9 -7.19 -23.69 -11.82
C TYR A 9 -6.91 -23.30 -13.28
N ASN A 10 -7.97 -23.13 -14.09
CA ASN A 10 -7.83 -22.73 -15.47
C ASN A 10 -7.15 -21.38 -15.63
N MET A 11 -7.50 -20.38 -14.76
CA MET A 11 -6.89 -19.04 -14.79
C MET A 11 -5.43 -19.15 -14.49
N ILE A 12 -5.10 -19.92 -13.44
CA ILE A 12 -3.73 -20.16 -12.96
C ILE A 12 -2.83 -20.66 -14.11
N GLY A 13 -3.29 -21.66 -14.85
CA GLY A 13 -2.55 -22.25 -15.97
C GLY A 13 -2.47 -21.39 -17.22
N ALA A 14 -3.38 -20.40 -17.37
CA ALA A 14 -3.44 -19.56 -18.57
C ALA A 14 -2.83 -18.15 -18.42
N TRP A 15 -2.72 -17.62 -17.19
CA TRP A 15 -2.20 -16.27 -16.97
C TRP A 15 -0.69 -16.33 -16.75
N PRO A 16 0.10 -15.54 -17.53
CA PRO A 16 1.58 -15.59 -17.40
C PRO A 16 2.14 -15.34 -16.01
N GLN A 17 1.60 -14.36 -15.27
CA GLN A 17 2.08 -14.08 -13.91
C GLN A 17 1.62 -15.12 -12.86
N LEU A 18 0.76 -16.07 -13.25
CA LEU A 18 0.26 -17.12 -12.37
C LEU A 18 0.86 -18.50 -12.64
N LYS A 19 0.93 -18.92 -13.93
CA LYS A 19 1.35 -20.27 -14.36
C LYS A 19 2.67 -20.77 -13.77
N ASP A 20 3.61 -19.87 -13.41
CA ASP A 20 4.90 -20.31 -12.85
C ASP A 20 4.95 -20.30 -11.31
N LEU A 21 3.84 -19.97 -10.63
CA LEU A 21 3.79 -19.95 -9.16
C LEU A 21 3.18 -21.30 -8.70
N LYS A 22 3.84 -22.40 -9.11
CA LYS A 22 3.45 -23.81 -8.95
C LYS A 22 3.77 -24.46 -7.60
N ALA A 23 4.65 -23.86 -6.77
CA ALA A 23 5.05 -24.45 -5.49
C ALA A 23 3.88 -24.70 -4.54
N ASN A 24 3.94 -25.81 -3.77
CA ASN A 24 2.94 -26.24 -2.79
C ASN A 24 1.50 -26.19 -3.36
N SER A 25 1.29 -26.86 -4.53
CA SER A 25 0.02 -26.97 -5.26
C SER A 25 -0.57 -25.58 -5.64
N PHE A 26 0.26 -24.75 -6.30
CA PHE A 26 -0.04 -23.41 -6.80
C PHE A 26 -0.55 -22.43 -5.71
N GLU A 27 0.02 -22.52 -4.49
CA GLU A 27 -0.36 -21.72 -3.32
C GLU A 27 -0.25 -20.22 -3.58
N GLU A 28 0.87 -19.78 -4.18
CA GLU A 28 1.11 -18.39 -4.52
C GLU A 28 0.19 -17.94 -5.66
N ALA A 29 0.01 -18.80 -6.68
CA ALA A 29 -0.87 -18.49 -7.82
C ALA A 29 -2.32 -18.29 -7.37
N ARG A 30 -2.79 -19.14 -6.43
CA ARG A 30 -4.12 -19.10 -5.82
C ARG A 30 -4.32 -17.76 -5.08
N ASP A 31 -3.35 -17.38 -4.24
CA ASP A 31 -3.36 -16.15 -3.47
C ASP A 31 -3.40 -14.91 -4.36
N VAL A 32 -2.55 -14.86 -5.42
CA VAL A 32 -2.52 -13.73 -6.36
C VAL A 32 -3.87 -13.62 -7.08
N LEU A 33 -4.41 -14.79 -7.54
CA LEU A 33 -5.71 -14.83 -8.22
C LEU A 33 -6.84 -14.30 -7.35
N ILE A 34 -6.90 -14.70 -6.06
CA ILE A 34 -7.91 -14.21 -5.11
C ILE A 34 -7.85 -12.69 -4.96
N GLN A 35 -6.63 -12.11 -4.88
CA GLN A 35 -6.42 -10.67 -4.74
C GLN A 35 -6.90 -9.94 -6.01
N LYS A 36 -6.58 -10.50 -7.20
CA LYS A 36 -7.04 -9.97 -8.49
C LYS A 36 -8.57 -9.97 -8.56
N MET A 37 -9.20 -11.04 -8.06
CA MET A 37 -10.66 -11.16 -8.04
C MET A 37 -11.33 -10.23 -7.03
N ALA A 38 -10.62 -9.84 -5.94
CA ALA A 38 -11.09 -8.86 -4.95
C ALA A 38 -11.19 -7.51 -5.62
N GLU A 39 -10.14 -7.12 -6.40
CA GLU A 39 -10.09 -5.88 -7.17
C GLU A 39 -11.23 -5.83 -8.19
N TYR A 40 -11.47 -6.95 -8.92
CA TYR A 40 -12.53 -7.12 -9.93
C TYR A 40 -13.89 -6.92 -9.28
N GLN A 41 -14.17 -7.64 -8.16
CA GLN A 41 -15.44 -7.54 -7.44
C GLN A 41 -15.70 -6.09 -6.99
N SER A 42 -14.72 -5.46 -6.33
CA SER A 42 -14.82 -4.10 -5.83
C SER A 42 -15.04 -3.05 -6.92
N TYR A 43 -14.26 -3.10 -8.00
CA TYR A 43 -14.41 -2.16 -9.11
C TYR A 43 -15.79 -2.26 -9.80
N THR A 44 -16.14 -3.48 -10.26
CA THR A 44 -17.36 -3.75 -11.02
C THR A 44 -18.64 -3.77 -10.20
N GLY A 45 -18.55 -4.17 -8.94
CA GLY A 45 -19.72 -4.34 -8.09
C GLY A 45 -20.38 -5.68 -8.36
N ASN A 46 -19.76 -6.53 -9.22
CA ASN A 46 -20.29 -7.84 -9.57
C ASN A 46 -19.86 -8.87 -8.54
N ARG A 47 -20.77 -9.78 -8.20
CA ARG A 47 -20.43 -10.85 -7.25
C ARG A 47 -19.46 -11.82 -7.95
N VAL A 48 -18.38 -12.20 -7.25
CA VAL A 48 -17.33 -13.08 -7.77
C VAL A 48 -17.17 -14.30 -6.90
N ILE A 49 -17.22 -15.49 -7.52
CA ILE A 49 -17.01 -16.75 -6.80
C ILE A 49 -15.88 -17.51 -7.52
N VAL A 50 -14.82 -17.83 -6.79
CA VAL A 50 -13.69 -18.56 -7.36
C VAL A 50 -13.78 -20.03 -6.94
N VAL A 51 -13.82 -20.92 -7.93
CA VAL A 51 -13.92 -22.37 -7.74
C VAL A 51 -12.59 -23.02 -8.08
N PHE A 52 -12.00 -23.67 -7.09
CA PHE A 52 -10.74 -24.37 -7.23
C PHE A 52 -10.96 -25.86 -7.14
N ASP A 53 -10.39 -26.60 -8.10
CA ASP A 53 -10.41 -28.04 -8.10
C ASP A 53 -9.48 -28.44 -6.92
N ALA A 54 -10.05 -29.08 -5.87
CA ALA A 54 -9.34 -29.48 -4.65
C ALA A 54 -8.15 -30.45 -4.85
N HIS A 55 -8.14 -31.21 -5.97
CA HIS A 55 -7.04 -32.13 -6.27
C HIS A 55 -5.85 -31.46 -6.94
N LEU A 56 -6.03 -30.23 -7.48
CA LEU A 56 -4.96 -29.51 -8.18
C LEU A 56 -4.45 -28.27 -7.42
N VAL A 57 -5.33 -27.62 -6.64
CA VAL A 57 -4.97 -26.40 -5.92
C VAL A 57 -5.00 -26.62 -4.42
N LYS A 58 -3.96 -26.12 -3.73
CA LYS A 58 -3.76 -26.16 -2.29
C LYS A 58 -4.95 -25.54 -1.57
N GLY A 59 -5.48 -26.29 -0.59
CA GLY A 59 -6.60 -25.87 0.24
C GLY A 59 -6.22 -24.74 1.17
N LEU A 60 -7.21 -23.91 1.53
CA LEU A 60 -7.07 -22.75 2.41
C LEU A 60 -6.64 -23.14 3.83
N GLU A 61 -7.21 -24.25 4.36
CA GLU A 61 -6.95 -24.77 5.72
C GLU A 61 -7.26 -23.69 6.76
N LYS A 62 -6.23 -23.05 7.34
CA LYS A 62 -6.37 -21.97 8.34
C LYS A 62 -6.81 -20.67 7.65
N LYS A 63 -6.07 -20.26 6.59
CA LYS A 63 -6.24 -19.03 5.80
C LYS A 63 -7.68 -18.58 5.60
N GLN A 64 -7.98 -17.41 6.15
CA GLN A 64 -9.27 -16.78 5.96
C GLN A 64 -9.02 -15.74 4.88
N THR A 65 -9.46 -16.05 3.65
CA THR A 65 -9.25 -15.24 2.45
C THR A 65 -10.02 -13.92 2.45
N ASN A 66 -9.74 -13.09 1.41
CA ASN A 66 -10.34 -11.78 1.18
C ASN A 66 -11.86 -11.85 1.24
N HIS A 67 -12.47 -11.04 2.15
CA HIS A 67 -13.91 -10.94 2.36
C HIS A 67 -14.66 -10.55 1.07
N ARG A 68 -13.94 -9.95 0.10
CA ARG A 68 -14.47 -9.53 -1.19
C ARG A 68 -14.70 -10.72 -2.12
N VAL A 69 -14.08 -11.88 -1.82
CA VAL A 69 -14.17 -13.03 -2.74
C VAL A 69 -14.58 -14.30 -2.04
N GLU A 70 -15.64 -14.93 -2.55
CA GLU A 70 -16.03 -16.24 -2.06
C GLU A 70 -15.16 -17.27 -2.80
N VAL A 71 -14.46 -18.11 -2.03
CA VAL A 71 -13.58 -19.15 -2.56
C VAL A 71 -14.14 -20.51 -2.18
N ILE A 72 -14.42 -21.35 -3.21
CA ILE A 72 -15.00 -22.68 -3.02
C ILE A 72 -14.12 -23.75 -3.60
N PHE A 73 -13.84 -24.80 -2.82
CA PHE A 73 -13.09 -25.95 -3.28
C PHE A 73 -14.08 -27.06 -3.62
N THR A 74 -13.81 -27.83 -4.69
CA THR A 74 -14.67 -28.94 -5.09
C THR A 74 -14.58 -30.10 -4.07
N LYS A 75 -15.55 -31.04 -4.09
CA LYS A 75 -15.54 -32.25 -3.27
C LYS A 75 -14.62 -33.25 -3.99
N GLU A 76 -14.46 -34.45 -3.40
CA GLU A 76 -13.57 -35.55 -3.83
C GLU A 76 -13.57 -35.85 -5.37
N ASN A 77 -14.66 -36.37 -5.97
CA ASN A 77 -14.62 -36.67 -7.41
C ASN A 77 -15.39 -35.67 -8.26
N GLU A 78 -15.48 -34.44 -7.75
CA GLU A 78 -16.23 -33.36 -8.35
C GLU A 78 -15.29 -32.44 -9.09
N THR A 79 -15.63 -32.09 -10.32
CA THR A 79 -14.83 -31.17 -11.11
C THR A 79 -15.40 -29.75 -10.95
N ALA A 80 -14.59 -28.73 -11.28
CA ALA A 80 -14.94 -27.32 -11.19
C ALA A 80 -16.19 -26.99 -11.96
N ASP A 81 -16.39 -27.58 -13.17
CA ASP A 81 -17.58 -27.34 -13.99
C ASP A 81 -18.88 -27.83 -13.31
N GLU A 82 -18.78 -28.90 -12.50
CA GLU A 82 -19.93 -29.47 -11.77
C GLU A 82 -20.32 -28.54 -10.61
N ARG A 83 -19.31 -28.04 -9.87
CA ARG A 83 -19.53 -27.10 -8.77
C ARG A 83 -20.07 -25.77 -9.29
N ILE A 84 -19.51 -25.28 -10.40
CA ILE A 84 -19.94 -24.05 -11.06
C ILE A 84 -21.43 -24.16 -11.48
N GLU A 85 -21.84 -25.32 -12.02
CA GLU A 85 -23.24 -25.57 -12.39
C GLU A 85 -24.16 -25.50 -11.15
N LYS A 86 -23.76 -26.15 -10.04
CA LYS A 86 -24.51 -26.17 -8.76
C LYS A 86 -24.68 -24.74 -8.25
N LEU A 87 -23.59 -23.93 -8.27
CA LEU A 87 -23.60 -22.53 -7.84
C LEU A 87 -24.52 -21.68 -8.70
N ALA A 88 -24.45 -21.84 -10.03
CA ALA A 88 -25.31 -21.11 -10.97
C ALA A 88 -26.80 -21.44 -10.80
N GLN A 89 -27.10 -22.71 -10.45
CA GLN A 89 -28.48 -23.17 -10.23
C GLN A 89 -29.01 -22.65 -8.90
N ALA A 90 -28.15 -22.59 -7.86
CA ALA A 90 -28.50 -22.08 -6.53
C ALA A 90 -28.73 -20.56 -6.53
N LEU A 91 -28.08 -19.84 -7.47
CA LEU A 91 -28.15 -18.39 -7.60
C LEU A 91 -28.91 -17.94 -8.85
N ASN A 92 -29.63 -18.88 -9.48
CA ASN A 92 -30.43 -18.68 -10.69
C ASN A 92 -31.67 -17.85 -10.44
N ASN A 93 -31.64 -16.56 -10.81
CA ASN A 93 -32.80 -15.66 -10.71
C ASN A 93 -33.02 -14.87 -12.02
N ILE A 94 -34.28 -14.45 -12.28
CA ILE A 94 -34.73 -13.73 -13.49
C ILE A 94 -33.87 -12.46 -13.80
N ALA A 95 -33.61 -11.62 -12.79
CA ALA A 95 -32.83 -10.37 -12.96
C ALA A 95 -31.29 -10.56 -12.87
N THR A 96 -30.77 -11.80 -13.02
CA THR A 96 -29.33 -12.07 -12.89
C THR A 96 -28.75 -12.83 -14.10
N GLN A 97 -27.59 -12.33 -14.61
CA GLN A 97 -26.83 -12.99 -15.69
C GLN A 97 -25.55 -13.63 -15.11
N ILE A 98 -25.44 -14.97 -15.27
CA ILE A 98 -24.31 -15.77 -14.83
C ILE A 98 -23.23 -15.76 -15.92
N HIS A 99 -21.99 -15.43 -15.53
CA HIS A 99 -20.83 -15.46 -16.40
C HIS A 99 -19.88 -16.48 -15.81
N VAL A 100 -19.25 -17.30 -16.67
CA VAL A 100 -18.29 -18.31 -16.23
C VAL A 100 -16.96 -18.07 -16.92
N ALA A 101 -15.91 -17.82 -16.11
CA ALA A 101 -14.57 -17.60 -16.63
C ALA A 101 -13.83 -18.93 -16.74
N THR A 102 -13.63 -19.41 -17.99
CA THR A 102 -12.93 -20.65 -18.33
C THR A 102 -12.64 -20.74 -19.84
N SER A 103 -11.45 -21.26 -20.16
CA SER A 103 -11.01 -21.56 -21.54
C SER A 103 -10.88 -23.09 -21.72
N ASP A 104 -11.35 -23.87 -20.72
CA ASP A 104 -11.28 -25.33 -20.76
C ASP A 104 -12.39 -25.92 -21.64
N TYR A 105 -12.04 -26.94 -22.44
CA TYR A 105 -13.00 -27.64 -23.29
C TYR A 105 -12.95 -29.16 -23.06
N THR A 106 -12.16 -29.63 -22.07
CA THR A 106 -12.05 -31.04 -21.72
C THR A 106 -13.27 -31.53 -20.93
N GLU A 107 -13.89 -30.62 -20.16
CA GLU A 107 -15.08 -30.94 -19.36
C GLU A 107 -16.35 -30.66 -20.11
N GLN A 108 -17.46 -31.21 -19.61
CA GLN A 108 -18.79 -31.06 -20.20
C GLN A 108 -19.28 -29.64 -20.26
N TRP A 109 -19.09 -28.85 -19.17
CA TRP A 109 -19.54 -27.46 -19.05
C TRP A 109 -21.03 -27.37 -19.42
N ALA A 110 -21.85 -28.26 -18.81
CA ALA A 110 -23.30 -28.36 -19.02
C ALA A 110 -24.05 -27.04 -18.77
N ILE A 111 -23.49 -26.17 -17.89
CA ILE A 111 -24.06 -24.86 -17.55
C ILE A 111 -24.15 -23.91 -18.76
N PHE A 112 -23.33 -24.12 -19.81
CA PHE A 112 -23.34 -23.26 -20.99
C PHE A 112 -24.57 -23.50 -21.89
N GLY A 113 -25.36 -24.53 -21.54
CA GLY A 113 -26.63 -24.86 -22.19
C GLY A 113 -27.79 -24.46 -21.29
N GLN A 114 -27.50 -23.77 -20.17
CA GLN A 114 -28.48 -23.32 -19.18
C GLN A 114 -28.50 -21.78 -18.98
N GLY A 115 -28.14 -21.05 -20.04
CA GLY A 115 -28.15 -19.59 -20.03
C GLY A 115 -26.89 -18.86 -19.61
N ALA A 116 -25.91 -19.58 -19.01
CA ALA A 116 -24.65 -18.97 -18.57
C ALA A 116 -23.78 -18.59 -19.76
N LEU A 117 -23.09 -17.45 -19.65
CA LEU A 117 -22.20 -16.94 -20.68
C LEU A 117 -20.76 -17.31 -20.38
N ARG A 118 -20.02 -17.65 -21.41
CA ARG A 118 -18.64 -18.07 -21.30
C ARG A 118 -17.70 -16.89 -21.51
N LYS A 119 -16.77 -16.72 -20.57
CA LYS A 119 -15.73 -15.70 -20.62
C LYS A 119 -14.40 -16.44 -20.64
N SER A 120 -13.56 -16.15 -21.62
CA SER A 120 -12.27 -16.83 -21.72
C SER A 120 -11.27 -16.34 -20.68
N ALA A 121 -10.23 -17.14 -20.44
CA ALA A 121 -9.15 -16.84 -19.52
C ALA A 121 -8.43 -15.53 -19.92
N ARG A 122 -8.21 -15.34 -21.24
CA ARG A 122 -7.58 -14.18 -21.87
C ARG A 122 -8.42 -12.92 -21.63
N GLU A 123 -9.76 -13.03 -21.82
CA GLU A 123 -10.70 -11.94 -21.62
C GLU A 123 -10.70 -11.49 -20.18
N LEU A 124 -10.78 -12.44 -19.21
CA LEU A 124 -10.77 -12.07 -17.79
C LEU A 124 -9.46 -11.39 -17.43
N LEU A 125 -8.32 -11.92 -17.90
CA LEU A 125 -6.99 -11.33 -17.68
C LEU A 125 -6.92 -9.87 -18.18
N ARG A 126 -7.42 -9.60 -19.41
CA ARG A 126 -7.45 -8.27 -20.05
C ARG A 126 -8.26 -7.28 -19.19
N GLU A 127 -9.41 -7.73 -18.67
CA GLU A 127 -10.30 -6.98 -17.78
C GLU A 127 -9.61 -6.70 -16.45
N VAL A 128 -8.97 -7.73 -15.86
CA VAL A 128 -8.21 -7.61 -14.61
C VAL A 128 -7.05 -6.60 -14.76
N GLU A 129 -6.28 -6.69 -15.85
CA GLU A 129 -5.14 -5.79 -16.08
C GLU A 129 -5.56 -4.32 -16.22
N THR A 130 -6.70 -4.06 -16.88
CA THR A 130 -7.29 -2.72 -17.07
C THR A 130 -7.75 -2.15 -15.72
N ILE A 131 -8.53 -2.96 -14.95
CA ILE A 131 -9.07 -2.62 -13.61
C ILE A 131 -7.92 -2.30 -12.62
N GLU A 132 -6.85 -3.11 -12.62
CA GLU A 132 -5.67 -2.92 -11.79
C GLU A 132 -5.05 -1.52 -12.03
N ARG A 133 -4.82 -1.19 -13.32
CA ARG A 133 -4.22 0.08 -13.74
C ARG A 133 -5.10 1.27 -13.40
N ARG A 134 -6.42 1.10 -13.53
CA ARG A 134 -7.41 2.13 -13.24
C ARG A 134 -7.46 2.44 -11.75
N ILE A 135 -7.51 1.38 -10.90
CA ILE A 135 -7.55 1.53 -9.44
C ILE A 135 -6.29 2.26 -8.98
N GLU A 136 -5.11 1.84 -9.49
CA GLU A 136 -3.81 2.43 -9.17
C GLU A 136 -3.76 3.91 -9.51
N ARG A 137 -4.26 4.29 -10.71
CA ARG A 137 -4.30 5.67 -11.19
C ARG A 137 -5.19 6.54 -10.31
N ARG A 138 -6.38 6.04 -9.94
CA ARG A 138 -7.34 6.75 -9.10
C ARG A 138 -6.79 6.97 -7.68
N VAL A 139 -6.04 5.96 -7.16
CA VAL A 139 -5.43 6.02 -5.83
C VAL A 139 -4.28 7.04 -5.85
N ARG A 140 -3.46 7.05 -6.93
CA ARG A 140 -2.36 8.02 -7.09
C ARG A 140 -2.89 9.45 -7.18
N LYS A 141 -4.03 9.64 -7.88
CA LYS A 141 -4.68 10.92 -8.06
C LYS A 141 -5.21 11.46 -6.73
N ILE A 142 -6.02 10.67 -5.99
CA ILE A 142 -6.58 11.11 -4.73
C ILE A 142 -5.53 11.27 -3.60
N THR A 143 -4.45 10.46 -3.60
CA THR A 143 -3.44 10.57 -2.56
C THR A 143 -2.53 11.78 -2.81
N SER A 144 -2.44 12.24 -4.07
CA SER A 144 -1.68 13.44 -4.46
C SER A 144 -2.47 14.67 -3.99
N GLU A 145 -3.80 14.62 -4.16
CA GLU A 145 -4.73 15.68 -3.78
C GLU A 145 -4.83 15.77 -2.26
N LYS A 146 -5.08 14.64 -1.57
CA LYS A 146 -5.17 14.56 -0.11
C LYS A 146 -3.94 13.78 0.44
N PRO A 147 -2.82 14.50 0.75
CA PRO A 147 -1.60 13.80 1.21
C PRO A 147 -1.79 12.95 2.48
N ALA A 148 -2.66 13.36 3.43
CA ALA A 148 -2.92 12.57 4.64
C ALA A 148 -3.59 11.22 4.38
N GLY A 149 -4.23 11.08 3.21
CA GLY A 149 -4.88 9.83 2.80
C GLY A 149 -3.91 8.80 2.24
N LYS A 150 -2.64 9.19 2.03
CA LYS A 150 -1.56 8.35 1.48
C LYS A 150 -0.71 7.64 2.55
N ILE A 151 -0.81 8.07 3.84
CA ILE A 151 0.02 7.59 4.95
C ILE A 151 -0.02 6.05 5.14
N ALA A 152 -1.22 5.43 5.26
CA ALA A 152 -1.34 3.98 5.42
C ALA A 152 -0.72 3.22 4.22
N LEU A 153 -0.92 3.74 3.02
CA LEU A 153 -0.39 3.19 1.79
C LEU A 153 1.14 3.30 1.73
N SER A 154 1.70 4.50 2.02
CA SER A 154 3.15 4.75 2.04
C SER A 154 3.83 3.85 3.04
N GLU A 155 3.19 3.60 4.19
CA GLU A 155 3.69 2.70 5.22
C GLU A 155 3.77 1.26 4.69
N GLU A 156 2.79 0.84 3.89
CA GLU A 156 2.79 -0.49 3.24
C GLU A 156 3.85 -0.57 2.11
N VAL A 157 4.04 0.52 1.34
CA VAL A 157 5.09 0.62 0.30
C VAL A 157 6.47 0.44 1.00
N LEU A 158 6.68 1.21 2.09
CA LEU A 158 7.91 1.18 2.88
C LEU A 158 8.19 -0.21 3.47
N LYS A 159 7.16 -0.87 4.03
CA LYS A 159 7.27 -2.24 4.56
C LYS A 159 7.71 -3.23 3.48
N THR A 160 7.17 -3.12 2.25
CA THR A 160 7.53 -3.95 1.10
C THR A 160 9.02 -3.72 0.70
N PHE A 161 9.48 -2.46 0.73
CA PHE A 161 10.86 -2.07 0.39
C PHE A 161 11.84 -2.69 1.38
N GLU A 162 11.49 -2.65 2.67
CA GLU A 162 12.29 -3.19 3.76
C GLU A 162 12.31 -4.72 3.74
N LYS A 163 11.14 -5.36 3.43
CA LYS A 163 11.01 -6.81 3.30
C LYS A 163 11.96 -7.29 2.19
N TRP A 164 11.93 -6.61 1.02
CA TRP A 164 12.82 -6.92 -0.09
C TRP A 164 14.30 -6.82 0.30
N ARG A 165 14.70 -5.67 0.88
CA ARG A 165 16.08 -5.34 1.27
C ARG A 165 16.70 -6.37 2.23
N ARG A 166 15.92 -6.87 3.20
CA ARG A 166 16.39 -7.86 4.17
C ARG A 166 16.23 -9.33 3.66
N GLY A 167 15.89 -9.49 2.37
CA GLY A 167 15.72 -10.77 1.71
C GLY A 167 14.52 -11.61 2.12
N ASP A 168 13.43 -10.95 2.60
CA ASP A 168 12.21 -11.66 3.02
C ASP A 168 11.38 -12.15 1.81
N LEU A 169 11.57 -11.55 0.63
CA LEU A 169 10.84 -11.91 -0.58
C LEU A 169 11.61 -12.89 -1.51
N ASP A 170 12.81 -13.32 -1.07
CA ASP A 170 13.66 -14.26 -1.82
C ASP A 170 12.98 -15.62 -1.99
N ALA A 171 12.32 -16.11 -0.92
CA ALA A 171 11.57 -17.38 -0.86
C ALA A 171 10.42 -17.46 -1.89
N ALA A 172 9.83 -16.30 -2.26
CA ALA A 172 8.71 -16.22 -3.21
C ALA A 172 9.15 -16.48 -4.65
N ALA A 173 8.23 -17.02 -5.48
CA ALA A 173 8.48 -17.39 -6.88
C ALA A 173 8.33 -16.23 -7.88
N LEU A 174 8.97 -16.37 -9.06
CA LEU A 174 8.94 -15.42 -10.16
C LEU A 174 8.33 -16.04 -11.40
CA MET B 1 27.66 8.76 10.89
C MET B 1 27.02 10.16 10.94
N ASP B 2 25.83 10.31 10.33
CA ASP B 2 25.08 11.55 10.23
C ASP B 2 23.72 11.44 10.93
N ILE B 3 23.41 12.40 11.83
CA ILE B 3 22.10 12.46 12.50
C ILE B 3 21.40 13.71 11.93
N LEU B 4 20.11 13.58 11.55
CA LEU B 4 19.32 14.70 11.01
C LEU B 4 18.29 15.18 12.03
N LEU B 5 18.41 16.46 12.42
CA LEU B 5 17.50 17.12 13.38
C LEU B 5 16.66 18.05 12.53
N VAL B 6 15.34 17.84 12.53
CA VAL B 6 14.41 18.55 11.65
C VAL B 6 13.55 19.58 12.39
N ASP B 7 13.52 20.82 11.88
CA ASP B 7 12.65 21.88 12.37
C ASP B 7 11.32 21.61 11.65
N GLY B 8 10.46 20.85 12.33
CA GLY B 8 9.17 20.39 11.84
C GLY B 8 8.23 21.47 11.32
N TYR B 9 8.00 22.53 12.12
CA TYR B 9 7.13 23.64 11.72
C TYR B 9 7.66 24.35 10.48
N ASN B 10 8.98 24.56 10.40
CA ASN B 10 9.60 25.20 9.26
C ASN B 10 9.38 24.41 7.96
N MET B 11 9.46 23.06 8.01
CA MET B 11 9.23 22.21 6.83
C MET B 11 7.81 22.36 6.39
N ILE B 12 6.86 22.30 7.34
CA ILE B 12 5.43 22.45 7.12
C ILE B 12 5.11 23.72 6.32
N GLY B 13 5.66 24.85 6.76
CA GLY B 13 5.44 26.15 6.10
C GLY B 13 6.14 26.34 4.78
N ALA B 14 7.20 25.54 4.49
CA ALA B 14 7.99 25.68 3.26
C ALA B 14 7.67 24.65 2.15
N TRP B 15 7.10 23.49 2.49
CA TRP B 15 6.82 22.45 1.50
C TRP B 15 5.40 22.61 0.94
N PRO B 16 5.26 22.68 -0.42
CA PRO B 16 3.93 22.91 -1.01
C PRO B 16 2.84 21.92 -0.61
N GLN B 17 3.19 20.63 -0.48
CA GLN B 17 2.26 19.56 -0.12
C GLN B 17 1.82 19.66 1.35
N LEU B 18 2.56 20.42 2.17
CA LEU B 18 2.33 20.55 3.61
C LEU B 18 1.68 21.86 4.04
N LYS B 19 2.16 23.00 3.50
CA LYS B 19 1.73 24.35 3.91
C LYS B 19 0.21 24.59 3.95
N ASP B 20 -0.59 23.86 3.14
CA ASP B 20 -2.04 24.07 3.13
C ASP B 20 -2.82 23.07 4.01
N LEU B 21 -2.12 22.17 4.73
CA LEU B 21 -2.79 21.20 5.61
C LEU B 21 -2.76 21.78 7.05
N LYS B 22 -3.36 22.97 7.19
CA LYS B 22 -3.40 23.83 8.38
C LYS B 22 -4.46 23.49 9.45
N ALA B 23 -5.48 22.67 9.12
CA ALA B 23 -6.55 22.33 10.06
C ALA B 23 -6.05 21.69 11.36
N ASN B 24 -6.70 22.02 12.49
CA ASN B 24 -6.41 21.51 13.84
C ASN B 24 -4.90 21.59 14.18
N SER B 25 -4.31 22.80 14.02
CA SER B 25 -2.90 23.12 14.27
C SER B 25 -1.92 22.24 13.43
N PHE B 26 -2.15 22.22 12.11
CA PHE B 26 -1.35 21.50 11.10
C PHE B 26 -1.23 19.98 11.38
N GLU B 27 -2.32 19.36 11.88
CA GLU B 27 -2.38 17.93 12.24
C GLU B 27 -2.03 17.02 11.06
N GLU B 28 -2.60 17.30 9.89
CA GLU B 28 -2.38 16.54 8.67
C GLU B 28 -0.98 16.77 8.15
N ALA B 29 -0.50 18.03 8.18
CA ALA B 29 0.85 18.38 7.73
C ALA B 29 1.94 17.68 8.57
N ARG B 30 1.71 17.60 9.89
CA ARG B 30 2.57 16.93 10.87
C ARG B 30 2.67 15.43 10.55
N ASP B 31 1.51 14.79 10.34
CA ASP B 31 1.42 13.37 10.01
C ASP B 31 2.13 13.02 8.69
N VAL B 32 1.92 13.82 7.63
CA VAL B 32 2.56 13.62 6.33
C VAL B 32 4.08 13.77 6.48
N LEU B 33 4.52 14.82 7.20
CA LEU B 33 5.95 15.06 7.45
C LEU B 33 6.62 13.89 8.16
N ILE B 34 5.99 13.35 9.22
CA ILE B 34 6.51 12.18 9.95
C ILE B 34 6.69 10.95 9.02
N GLN B 35 5.72 10.70 8.14
CA GLN B 35 5.75 9.60 7.17
C GLN B 35 6.90 9.81 6.17
N LYS B 36 7.08 11.05 5.67
CA LYS B 36 8.18 11.41 4.77
C LYS B 36 9.54 11.17 5.45
N MET B 37 9.65 11.52 6.74
CA MET B 37 10.87 11.33 7.53
C MET B 37 11.14 9.85 7.84
N ALA B 38 10.07 9.01 7.89
CA ALA B 38 10.18 7.55 8.09
C ALA B 38 10.84 6.94 6.84
N GLU B 39 10.41 7.38 5.64
CA GLU B 39 10.99 6.97 4.37
C GLU B 39 12.47 7.37 4.27
N TYR B 40 12.80 8.64 4.66
CA TYR B 40 14.15 9.20 4.67
C TYR B 40 15.04 8.37 5.60
N GLN B 41 14.61 8.15 6.86
CA GLN B 41 15.37 7.36 7.83
C GLN B 41 15.68 5.96 7.28
N SER B 42 14.65 5.25 6.80
CA SER B 42 14.77 3.88 6.27
C SER B 42 15.69 3.79 5.05
N TYR B 43 15.52 4.68 4.04
CA TYR B 43 16.36 4.67 2.85
C TYR B 43 17.85 4.95 3.17
N THR B 44 18.12 6.05 3.88
CA THR B 44 19.48 6.51 4.18
C THR B 44 20.19 5.75 5.31
N GLY B 45 19.42 5.26 6.27
CA GLY B 45 19.99 4.61 7.45
C GLY B 45 20.42 5.65 8.47
N ASN B 46 20.18 6.95 8.19
CA ASN B 46 20.53 8.04 9.11
C ASN B 46 19.47 8.23 10.18
N ARG B 47 19.89 8.51 11.41
CA ARG B 47 18.95 8.75 12.49
C ARG B 47 18.25 10.12 12.25
N VAL B 48 16.91 10.14 12.39
CA VAL B 48 16.11 11.33 12.14
C VAL B 48 15.30 11.69 13.38
N ILE B 49 15.40 12.96 13.83
CA ILE B 49 14.61 13.45 14.95
C ILE B 49 13.83 14.68 14.48
N VAL B 50 12.50 14.63 14.59
CA VAL B 50 11.64 15.75 14.18
C VAL B 50 11.21 16.53 15.41
N VAL B 51 11.53 17.83 15.43
CA VAL B 51 11.21 18.74 16.53
C VAL B 51 10.09 19.70 16.10
N PHE B 52 8.99 19.61 16.81
CA PHE B 52 7.83 20.46 16.56
C PHE B 52 7.66 21.48 17.68
N ASP B 53 7.46 22.74 17.30
CA ASP B 53 7.16 23.80 18.25
C ASP B 53 5.73 23.49 18.75
N ALA B 54 5.59 23.17 20.05
CA ALA B 54 4.29 22.80 20.68
C ALA B 54 3.20 23.88 20.64
N HIS B 55 3.60 25.16 20.46
CA HIS B 55 2.68 26.30 20.40
C HIS B 55 2.04 26.45 18.99
N LEU B 56 2.67 25.87 17.95
CA LEU B 56 2.24 25.97 16.55
C LEU B 56 1.70 24.66 15.97
N VAL B 57 2.22 23.51 16.42
CA VAL B 57 1.83 22.21 15.88
C VAL B 57 1.08 21.39 16.95
N LYS B 58 -0.04 20.77 16.54
CA LYS B 58 -0.90 19.92 17.34
C LYS B 58 -0.09 18.76 17.94
N GLY B 59 -0.25 18.58 19.26
CA GLY B 59 0.41 17.52 20.01
C GLY B 59 -0.14 16.15 19.68
N LEU B 60 0.62 15.11 19.96
CA LEU B 60 0.19 13.74 19.68
C LEU B 60 -0.90 13.22 20.60
N GLU B 61 -0.80 13.53 21.91
CA GLU B 61 -1.73 13.13 22.98
C GLU B 61 -1.93 11.60 23.02
N LYS B 62 -0.85 10.90 23.38
CA LYS B 62 -0.73 9.43 23.54
C LYS B 62 -0.81 8.64 22.20
N LYS B 63 -1.13 9.31 21.06
CA LYS B 63 -1.22 8.68 19.74
C LYS B 63 0.19 8.28 19.27
N GLN B 64 0.40 6.97 19.08
CA GLN B 64 1.70 6.44 18.67
C GLN B 64 2.05 6.77 17.21
N THR B 65 3.30 7.25 17.02
CA THR B 65 3.84 7.62 15.71
C THR B 65 4.73 6.53 15.13
N ASN B 66 5.25 6.78 13.90
CA ASN B 66 6.14 5.87 13.20
C ASN B 66 7.37 5.55 14.06
N HIS B 67 7.68 4.25 14.20
CA HIS B 67 8.80 3.75 15.01
C HIS B 67 10.14 4.16 14.43
N ARG B 68 10.17 4.51 13.12
CA ARG B 68 11.38 4.94 12.42
C ARG B 68 11.74 6.39 12.72
N VAL B 69 10.79 7.16 13.29
CA VAL B 69 11.02 8.58 13.55
C VAL B 69 10.79 8.97 14.99
N GLU B 70 11.80 9.57 15.62
CA GLU B 70 11.65 10.14 16.95
C GLU B 70 11.02 11.53 16.75
N VAL B 71 9.89 11.77 17.41
CA VAL B 71 9.15 13.03 17.32
C VAL B 71 9.17 13.69 18.70
N ILE B 72 9.70 14.93 18.77
CA ILE B 72 9.82 15.68 20.04
C ILE B 72 9.11 17.01 19.94
N PHE B 73 8.30 17.32 20.95
CA PHE B 73 7.61 18.60 21.05
C PHE B 73 8.38 19.47 22.03
N THR B 74 8.49 20.77 21.76
CA THR B 74 9.18 21.70 22.66
C THR B 74 8.34 21.90 23.96
N LYS B 75 8.97 22.42 25.03
CA LYS B 75 8.28 22.76 26.28
C LYS B 75 7.58 24.11 26.03
N GLU B 76 6.73 24.57 26.95
CA GLU B 76 6.12 25.89 26.81
C GLU B 76 7.29 26.87 26.91
N ASN B 77 7.29 27.96 26.08
CA ASN B 77 8.35 29.00 26.09
C ASN B 77 9.73 28.53 25.56
N GLU B 78 9.78 27.35 24.95
CA GLU B 78 11.01 26.83 24.36
C GLU B 78 10.77 26.79 22.86
N THR B 79 11.75 27.29 22.10
CA THR B 79 11.65 27.26 20.63
C THR B 79 12.37 26.02 20.11
N ALA B 80 12.07 25.64 18.86
CA ALA B 80 12.63 24.47 18.18
C ALA B 80 14.14 24.51 18.13
N ASP B 81 14.75 25.71 17.91
CA ASP B 81 16.20 25.85 17.86
C ASP B 81 16.88 25.55 19.21
N GLU B 82 16.18 25.83 20.33
CA GLU B 82 16.68 25.56 21.69
C GLU B 82 16.66 24.06 21.96
N ARG B 83 15.57 23.38 21.58
CA ARG B 83 15.45 21.92 21.73
C ARG B 83 16.46 21.20 20.83
N ILE B 84 16.61 21.67 19.59
CA ILE B 84 17.56 21.10 18.63
C ILE B 84 19.00 21.22 19.17
N GLU B 85 19.35 22.35 19.81
CA GLU B 85 20.67 22.55 20.45
C GLU B 85 20.88 21.52 21.59
N LYS B 86 19.88 21.34 22.47
CA LYS B 86 19.93 20.38 23.58
C LYS B 86 20.14 18.96 23.05
N LEU B 87 19.40 18.57 21.97
CA LEU B 87 19.52 17.26 21.33
C LEU B 87 20.90 17.04 20.73
N ALA B 88 21.43 18.06 20.02
CA ALA B 88 22.76 18.00 19.40
C ALA B 88 23.87 17.89 20.44
N GLN B 89 23.69 18.53 21.62
CA GLN B 89 24.67 18.48 22.71
C GLN B 89 24.65 17.12 23.42
N ALA B 90 23.45 16.53 23.56
CA ALA B 90 23.26 15.22 24.17
C ALA B 90 23.81 14.09 23.28
N LEU B 91 23.84 14.30 21.96
CA LEU B 91 24.29 13.32 20.97
C LEU B 91 25.63 13.71 20.31
N ASN B 92 26.32 14.71 20.90
CA ASN B 92 27.58 15.28 20.44
C ASN B 92 28.76 14.35 20.58
N ASN B 93 29.25 13.81 19.46
CA ASN B 93 30.41 12.91 19.44
C ASN B 93 31.27 13.09 18.19
N ILE B 94 32.61 13.05 18.39
CA ILE B 94 33.68 13.22 17.39
C ILE B 94 33.40 12.47 16.06
N ALA B 95 32.96 11.19 16.12
CA ALA B 95 32.66 10.38 14.94
C ALA B 95 31.25 10.59 14.33
N THR B 96 30.51 11.63 14.78
CA THR B 96 29.17 11.90 14.24
C THR B 96 28.97 13.35 13.86
N GLN B 97 28.35 13.54 12.67
CA GLN B 97 28.04 14.85 12.11
C GLN B 97 26.54 15.16 12.25
N ILE B 98 26.23 16.25 12.96
CA ILE B 98 24.86 16.73 13.18
C ILE B 98 24.45 17.63 12.02
N HIS B 99 23.29 17.34 11.42
CA HIS B 99 22.69 18.13 10.36
C HIS B 99 21.37 18.66 10.89
N VAL B 100 21.07 19.93 10.61
CA VAL B 100 19.83 20.56 11.05
C VAL B 100 19.07 21.05 9.84
N ALA B 101 17.86 20.52 9.63
CA ALA B 101 17.00 20.95 8.53
C ALA B 101 16.12 22.13 8.96
N THR B 102 16.47 23.34 8.46
CA THR B 102 15.76 24.61 8.71
C THR B 102 16.21 25.70 7.75
N SER B 103 15.25 26.52 7.32
CA SER B 103 15.47 27.71 6.48
C SER B 103 15.11 28.97 7.30
N ASP B 104 14.86 28.81 8.62
CA ASP B 104 14.52 29.93 9.50
C ASP B 104 15.75 30.72 9.93
N TYR B 105 15.63 32.06 9.93
CA TYR B 105 16.71 32.95 10.38
C TYR B 105 16.22 33.92 11.46
N THR B 106 14.96 33.76 11.92
CA THR B 106 14.38 34.61 12.97
C THR B 106 14.92 34.23 14.36
N GLU B 107 15.29 32.94 14.54
CA GLU B 107 15.83 32.45 15.80
C GLU B 107 17.34 32.50 15.82
N GLN B 108 17.92 32.40 17.01
CA GLN B 108 19.37 32.46 17.24
C GLN B 108 20.13 31.36 16.51
N TRP B 109 19.61 30.09 16.56
CA TRP B 109 20.26 28.91 15.95
C TRP B 109 21.73 28.83 16.39
N ALA B 110 21.96 28.95 17.71
CA ALA B 110 23.27 28.92 18.36
C ALA B 110 24.08 27.65 18.04
N ILE B 111 23.38 26.53 17.71
CA ILE B 111 23.99 25.25 17.36
C ILE B 111 24.84 25.32 16.08
N PHE B 112 24.58 26.28 15.19
CA PHE B 112 25.33 26.44 13.95
C PHE B 112 26.77 27.00 14.17
N GLY B 113 27.05 27.40 15.40
CA GLY B 113 28.36 27.83 15.85
C GLY B 113 29.03 26.76 16.71
N GLN B 114 28.39 25.56 16.79
CA GLN B 114 28.86 24.41 17.57
C GLN B 114 29.10 23.15 16.71
N GLY B 115 29.46 23.35 15.44
CA GLY B 115 29.77 22.26 14.53
C GLY B 115 28.65 21.69 13.67
N ALA B 116 27.38 21.99 14.02
CA ALA B 116 26.23 21.48 13.26
C ALA B 116 26.12 22.14 11.89
N LEU B 117 25.72 21.34 10.88
CA LEU B 117 25.57 21.81 9.51
C LEU B 117 24.12 22.13 9.22
N ARG B 118 23.90 23.20 8.46
CA ARG B 118 22.57 23.65 8.12
C ARG B 118 22.14 23.10 6.77
N LYS B 119 20.94 22.50 6.73
CA LYS B 119 20.31 21.95 5.54
C LYS B 119 19.01 22.75 5.35
N SER B 120 18.83 23.30 4.16
CA SER B 120 17.67 24.12 3.85
C SER B 120 16.41 23.26 3.71
N ALA B 121 15.21 23.88 3.87
CA ALA B 121 13.90 23.24 3.70
C ALA B 121 13.74 22.66 2.29
N ARG B 122 14.21 23.43 1.27
CA ARG B 122 14.17 23.08 -0.15
C ARG B 122 15.05 21.86 -0.44
N GLU B 123 16.26 21.82 0.17
CA GLU B 123 17.22 20.72 0.02
C GLU B 123 16.65 19.42 0.63
N LEU B 124 16.02 19.49 1.83
CA LEU B 124 15.41 18.30 2.43
C LEU B 124 14.24 17.80 1.56
N LEU B 125 13.39 18.72 1.07
CA LEU B 125 12.26 18.40 0.19
C LEU B 125 12.71 17.63 -1.07
N ARG B 126 13.75 18.12 -1.76
CA ARG B 126 14.27 17.49 -2.98
C ARG B 126 14.74 16.07 -2.69
N GLU B 127 15.50 15.91 -1.60
CA GLU B 127 16.00 14.63 -1.10
C GLU B 127 14.82 13.69 -0.83
N VAL B 128 13.79 14.19 -0.10
CA VAL B 128 12.57 13.43 0.20
C VAL B 128 11.82 12.99 -1.10
N GLU B 129 11.64 13.93 -2.05
CA GLU B 129 10.96 13.63 -3.32
C GLU B 129 11.67 12.57 -4.16
N THR B 130 13.01 12.61 -4.19
CA THR B 130 13.84 11.66 -4.91
C THR B 130 13.76 10.28 -4.26
N ILE B 131 13.92 10.20 -2.91
CA ILE B 131 13.82 8.97 -2.10
C ILE B 131 12.45 8.30 -2.28
N GLU B 132 11.34 9.08 -2.25
CA GLU B 132 9.98 8.61 -2.46
C GLU B 132 9.85 7.88 -3.81
N ARG B 133 10.34 8.52 -4.89
CA ARG B 133 10.28 8.00 -6.26
C ARG B 133 11.13 6.76 -6.43
N ARG B 134 12.29 6.71 -5.75
CA ARG B 134 13.21 5.58 -5.78
C ARG B 134 12.61 4.37 -5.10
N ILE B 135 12.02 4.56 -3.89
CA ILE B 135 11.38 3.48 -3.12
C ILE B 135 10.24 2.89 -3.95
N GLU B 136 9.40 3.76 -4.55
CA GLU B 136 8.26 3.37 -5.39
C GLU B 136 8.69 2.53 -6.58
N ARG B 137 9.78 2.95 -7.28
CA ARG B 137 10.35 2.24 -8.44
C ARG B 137 10.86 0.85 -8.07
N ARG B 138 11.59 0.77 -6.94
CA ARG B 138 12.11 -0.47 -6.41
C ARG B 138 10.99 -1.46 -6.06
N VAL B 139 9.91 -0.95 -5.41
CA VAL B 139 8.76 -1.75 -5.00
C VAL B 139 7.99 -2.25 -6.23
N ARG B 140 7.82 -1.39 -7.28
CA ARG B 140 7.15 -1.79 -8.52
C ARG B 140 7.92 -2.88 -9.24
N LYS B 141 9.27 -2.79 -9.23
CA LYS B 141 10.16 -3.76 -9.86
C LYS B 141 10.05 -5.13 -9.17
N ILE B 142 10.23 -5.18 -7.83
CA ILE B 142 10.19 -6.45 -7.10
C ILE B 142 8.77 -7.08 -7.04
N THR B 143 7.70 -6.25 -7.03
CA THR B 143 6.33 -6.81 -6.97
C THR B 143 5.91 -7.34 -8.34
N SER B 144 6.54 -6.85 -9.43
CA SER B 144 6.31 -7.34 -10.80
C SER B 144 6.98 -8.69 -10.95
N GLU B 145 8.19 -8.83 -10.38
CA GLU B 145 8.98 -10.04 -10.39
C GLU B 145 8.36 -11.11 -9.51
N LYS B 146 8.02 -10.77 -8.25
CA LYS B 146 7.38 -11.67 -7.29
C LYS B 146 5.91 -11.21 -7.04
N PRO B 147 4.94 -11.69 -7.86
CA PRO B 147 3.55 -11.23 -7.69
C PRO B 147 2.94 -11.49 -6.31
N ALA B 148 3.32 -12.58 -5.61
CA ALA B 148 2.81 -12.87 -4.26
C ALA B 148 3.28 -11.85 -3.19
N GLY B 149 4.36 -11.12 -3.49
CA GLY B 149 4.89 -10.09 -2.61
C GLY B 149 4.15 -8.76 -2.71
N LYS B 150 3.22 -8.64 -3.68
CA LYS B 150 2.41 -7.44 -3.95
C LYS B 150 1.03 -7.45 -3.25
N ILE B 151 0.59 -8.62 -2.73
CA ILE B 151 -0.73 -8.85 -2.13
C ILE B 151 -1.07 -7.86 -0.98
N ALA B 152 -0.21 -7.72 0.04
CA ALA B 152 -0.46 -6.79 1.16
C ALA B 152 -0.59 -5.35 0.65
N LEU B 153 0.26 -4.96 -0.31
CA LEU B 153 0.25 -3.64 -0.92
C LEU B 153 -1.03 -3.39 -1.73
N SER B 154 -1.41 -4.36 -2.60
CA SER B 154 -2.63 -4.26 -3.42
C SER B 154 -3.87 -4.16 -2.55
N GLU B 155 -3.90 -4.89 -1.42
CA GLU B 155 -4.98 -4.83 -0.43
C GLU B 155 -5.10 -3.38 0.09
N GLU B 156 -3.96 -2.74 0.44
CA GLU B 156 -3.92 -1.36 0.93
C GLU B 156 -4.34 -0.35 -0.15
N VAL B 157 -3.94 -0.59 -1.43
CA VAL B 157 -4.35 0.22 -2.58
C VAL B 157 -5.89 0.14 -2.69
N LEU B 158 -6.44 -1.09 -2.66
CA LEU B 158 -7.87 -1.35 -2.75
C LEU B 158 -8.67 -0.68 -1.63
N LYS B 159 -8.17 -0.76 -0.39
CA LYS B 159 -8.78 -0.11 0.78
C LYS B 159 -8.87 1.41 0.58
N THR B 160 -7.80 2.04 0.04
CA THR B 160 -7.73 3.47 -0.27
C THR B 160 -8.77 3.86 -1.36
N PHE B 161 -8.93 3.01 -2.39
CA PHE B 161 -9.88 3.21 -3.50
C PHE B 161 -11.31 3.20 -2.96
N GLU B 162 -11.61 2.25 -2.07
CA GLU B 162 -12.92 2.09 -1.46
C GLU B 162 -13.23 3.21 -0.47
N LYS B 163 -12.22 3.66 0.31
CA LYS B 163 -12.33 4.79 1.25
C LYS B 163 -12.71 6.04 0.46
N TRP B 164 -12.01 6.31 -0.66
CA TRP B 164 -12.30 7.45 -1.53
C TRP B 164 -13.74 7.40 -2.08
N ARG B 165 -14.13 6.25 -2.68
CA ARG B 165 -15.43 6.03 -3.31
C ARG B 165 -16.62 6.27 -2.37
N ARG B 166 -16.51 5.86 -1.10
CA ARG B 166 -17.58 6.03 -0.10
C ARG B 166 -17.49 7.41 0.63
N GLY B 167 -16.62 8.28 0.13
CA GLY B 167 -16.41 9.62 0.67
C GLY B 167 -15.75 9.74 2.02
N ASP B 168 -14.90 8.74 2.40
CA ASP B 168 -14.18 8.75 3.67
C ASP B 168 -13.00 9.74 3.68
N LEU B 169 -12.50 10.10 2.49
CA LEU B 169 -11.35 11.03 2.36
C LEU B 169 -11.77 12.48 2.06
N ASP B 170 -13.09 12.74 2.00
CA ASP B 170 -13.66 14.07 1.74
C ASP B 170 -13.25 15.08 2.84
N ALA B 171 -13.29 14.64 4.11
CA ALA B 171 -12.92 15.41 5.31
C ALA B 171 -11.47 15.93 5.29
N ALA B 172 -10.54 15.21 4.61
CA ALA B 172 -9.12 15.56 4.52
C ALA B 172 -8.87 16.76 3.60
N ALA B 173 -7.81 17.55 3.90
CA ALA B 173 -7.42 18.76 3.15
C ALA B 173 -6.60 18.49 1.89
N LEU B 174 -6.58 19.48 0.97
CA LEU B 174 -5.83 19.44 -0.29
C LEU B 174 -4.76 20.54 -0.33
C1 GOL C . 9.56 27.20 14.33
O1 GOL C . 9.75 25.80 14.55
C2 GOL C . 10.89 27.90 14.19
O2 GOL C . 11.35 27.75 12.85
C3 GOL C . 10.77 29.37 14.51
O3 GOL C . 10.69 29.57 15.92
H11 GOL C . 8.98 27.36 13.44
H12 GOL C . 8.98 27.62 15.15
HO1 GOL C . 8.95 25.49 15.05
H2 GOL C . 11.68 27.42 14.76
HO2 GOL C . 12.35 27.68 12.86
H31 GOL C . 11.60 29.93 14.09
H32 GOL C . 9.87 29.78 14.04
HO3 GOL C . 9.72 29.66 16.13
#